data_7HP6
#
_entry.id   7HP6
#
_cell.length_a   42.477
_cell.length_b   42.477
_cell.length_c   216.498
_cell.angle_alpha   90.00
_cell.angle_beta   90.00
_cell.angle_gamma   90.00
#
_symmetry.space_group_name_H-M   'P 43 2 2'
#
loop_
_entity.id
_entity.type
_entity.pdbx_description
1 polymer 'Serine protease subunit NS2B'
2 polymer 'Serine protease NS3'
3 non-polymer 'DIMETHYL SULFOXIDE'
4 non-polymer (4R)-2-methyl-N-(3-methylpyridin-4-yl)imidazo[1,2-a]pyridine-7-carboxamide
5 non-polymer 'SULFATE ION'
6 water water
#
loop_
_entity_poly.entity_id
_entity_poly.type
_entity_poly.pdbx_seq_one_letter_code
_entity_poly.pdbx_strand_id
1 'polypeptide(L)' SMGKSVDMYIERAGDITWEKDAEVTGNSPRLDVALDESGDFSLVEE A
2 'polypeptide(L)'
;MKEVKKGETTDGVYRVMTRRLLGSTQVGVGVMQEGVFHTMWHVTKGAALRSGEGRLDPYWGDVKQDLVSYCGPWKLDAAW
DGLSEVQLLAVPPGERAKNIQTLPGIFKTKDGDIGAVALDYPAGTSGSPILDKCGRVIGLYGNGVVIKNGSYVSAITQGK
REEETPVE
;
B
#
loop_
_chem_comp.id
_chem_comp.type
_chem_comp.name
_chem_comp.formula
A1BG5 non-polymer (4R)-2-methyl-N-(3-methylpyridin-4-yl)imidazo[1,2-a]pyridine-7-carboxamide 'C15 H14 N4 O'
DMS non-polymer 'DIMETHYL SULFOXIDE' 'C2 H6 O S'
SO4 non-polymer 'SULFATE ION' 'O4 S -2'
#
# COMPACT_ATOMS: atom_id res chain seq x y z
N ASP A 7 6.82 -0.99 22.06
CA ASP A 7 6.44 0.43 21.82
C ASP A 7 6.96 0.84 20.43
N MET A 8 6.10 1.48 19.63
CA MET A 8 6.33 1.72 18.19
C MET A 8 6.64 3.19 17.97
N TYR A 9 7.54 3.47 17.02
CA TYR A 9 7.98 4.83 16.62
C TYR A 9 8.09 4.88 15.11
N ILE A 10 8.00 6.10 14.56
CA ILE A 10 8.04 6.37 13.09
C ILE A 10 9.35 7.11 12.74
N GLU A 11 9.88 6.85 11.53
CA GLU A 11 11.08 7.58 10.97
C GLU A 11 10.76 7.94 9.49
N ARG A 12 10.97 9.23 9.14
CA ARG A 12 10.67 9.69 7.77
C ARG A 12 11.53 8.82 6.82
N ALA A 13 11.02 8.48 5.64
CA ALA A 13 11.66 7.56 4.66
C ALA A 13 11.78 8.24 3.29
N GLY A 14 11.16 9.41 3.07
CA GLY A 14 11.07 9.99 1.73
C GLY A 14 9.86 10.90 1.53
N ASP A 15 9.88 11.65 0.41
CA ASP A 15 8.72 12.43 -0.09
C ASP A 15 7.78 11.52 -0.87
N ILE A 16 6.51 11.99 -1.03
CA ILE A 16 5.53 11.23 -1.83
C ILE A 16 5.48 11.91 -3.20
N THR A 17 6.03 11.24 -4.21
N THR A 17 5.94 11.20 -4.22
N THR A 17 6.03 11.24 -4.21
N THR A 17 5.94 11.20 -4.22
CA THR A 17 6.16 11.76 -5.60
CA THR A 17 6.14 11.76 -5.58
CA THR A 17 6.16 11.76 -5.61
CA THR A 17 6.15 11.76 -5.58
C THR A 17 6.24 10.69 -6.77
C THR A 17 6.24 10.70 -6.76
C THR A 17 6.26 10.70 -6.77
C THR A 17 6.24 10.70 -6.77
N TRP A 18 5.56 11.07 -7.88
CA TRP A 18 5.67 10.25 -9.11
C TRP A 18 7.09 10.46 -9.65
N GLU A 19 7.72 9.35 -10.04
CA GLU A 19 9.14 9.45 -10.45
C GLU A 19 9.30 8.82 -11.85
N LYS A 20 9.60 9.67 -12.83
N LYS A 20 9.60 9.67 -12.83
N LYS A 20 9.64 9.66 -12.83
N LYS A 20 9.64 9.66 -12.83
CA LYS A 20 9.72 9.30 -14.26
CA LYS A 20 9.72 9.30 -14.26
CA LYS A 20 9.88 9.25 -14.24
CA LYS A 20 9.88 9.25 -14.24
C LYS A 20 10.80 8.22 -14.44
C LYS A 20 10.80 8.22 -14.44
C LYS A 20 11.07 8.27 -14.29
C LYS A 20 11.07 8.27 -14.29
N ASP A 21 10.46 7.16 -15.15
N ASP A 21 10.46 7.16 -15.15
N ASP A 21 10.90 7.15 -14.99
N ASP A 21 10.90 7.15 -14.99
CA ASP A 21 11.37 6.03 -15.44
CA ASP A 21 11.37 6.03 -15.44
CA ASP A 21 11.96 6.13 -15.18
CA ASP A 21 11.96 6.13 -15.18
C ASP A 21 11.69 5.30 -14.13
C ASP A 21 11.69 5.30 -14.13
C ASP A 21 12.05 5.25 -13.93
C ASP A 21 12.05 5.25 -13.93
N ALA A 22 10.66 4.99 -13.34
N ALA A 22 10.66 4.99 -13.34
N ALA A 22 10.92 4.89 -13.32
N ALA A 22 10.92 4.89 -13.32
CA ALA A 22 10.76 3.94 -12.29
CA ALA A 22 10.76 3.94 -12.29
CA ALA A 22 10.86 3.82 -12.29
CA ALA A 22 10.86 3.82 -12.29
C ALA A 22 10.92 2.56 -13.00
C ALA A 22 10.92 2.56 -13.00
C ALA A 22 11.05 2.42 -13.00
C ALA A 22 11.05 2.42 -13.00
N GLU A 23 11.65 1.55 -12.25
N GLU A 23 11.65 1.55 -12.25
N GLU A 23 11.71 1.40 -12.20
N GLU A 23 11.71 1.40 -12.20
CA GLU A 23 11.68 0.12 -12.71
CA GLU A 23 11.68 0.12 -12.71
CA GLU A 23 11.71 -0.01 -12.71
CA GLU A 23 11.71 -0.01 -12.71
C GLU A 23 10.21 -0.24 -13.03
C GLU A 23 10.21 -0.24 -13.03
C GLU A 23 10.23 -0.30 -13.02
C GLU A 23 10.23 -0.30 -13.02
N VAL A 24 9.91 -0.65 -14.27
CA VAL A 24 8.50 -0.99 -14.66
C VAL A 24 8.38 -2.51 -14.72
N THR A 25 7.49 -3.09 -13.87
CA THR A 25 7.42 -4.57 -13.63
C THR A 25 6.01 -4.95 -13.04
N GLY A 26 5.76 -6.25 -12.77
CA GLY A 26 4.41 -6.84 -12.32
C GLY A 26 3.33 -6.99 -13.40
N ASN A 27 2.63 -8.17 -13.39
CA ASN A 27 1.50 -8.46 -14.32
C ASN A 27 0.25 -7.80 -13.65
N SER A 28 -0.96 -7.99 -14.20
CA SER A 28 -2.22 -7.27 -13.79
C SER A 28 -3.39 -8.27 -13.73
N PRO A 29 -3.37 -9.24 -12.79
CA PRO A 29 -4.32 -10.34 -12.82
C PRO A 29 -5.72 -9.91 -12.34
N ARG A 30 -6.76 -10.47 -12.97
CA ARG A 30 -8.19 -10.36 -12.54
C ARG A 30 -8.52 -11.57 -11.67
N LEU A 31 -8.71 -11.35 -10.36
CA LEU A 31 -8.94 -12.41 -9.35
C LEU A 31 -10.33 -12.22 -8.70
N ASP A 32 -11.11 -13.30 -8.59
CA ASP A 32 -12.36 -13.36 -7.80
C ASP A 32 -12.02 -13.56 -6.32
N VAL A 33 -12.36 -12.58 -5.47
CA VAL A 33 -11.93 -12.60 -4.05
C VAL A 33 -13.15 -12.34 -3.13
N ALA A 34 -12.99 -12.77 -1.88
CA ALA A 34 -13.95 -12.59 -0.77
C ALA A 34 -13.23 -11.87 0.37
N LEU A 35 -13.93 -10.96 1.06
CA LEU A 35 -13.38 -10.19 2.21
C LEU A 35 -14.16 -10.59 3.47
N ASP A 36 -13.47 -11.20 4.45
CA ASP A 36 -14.06 -11.71 5.71
C ASP A 36 -14.10 -10.56 6.72
N GLU A 37 -14.84 -10.78 7.83
CA GLU A 37 -15.10 -9.72 8.83
C GLU A 37 -13.76 -9.32 9.52
N SER A 38 -12.76 -10.20 9.54
CA SER A 38 -11.41 -9.92 10.12
C SER A 38 -10.49 -9.20 9.10
N GLY A 39 -11.00 -8.77 7.94
CA GLY A 39 -10.21 -8.00 6.95
C GLY A 39 -9.24 -8.86 6.11
N ASP A 40 -9.41 -10.19 6.12
CA ASP A 40 -8.62 -11.18 5.32
C ASP A 40 -9.31 -11.41 3.98
N PHE A 41 -8.62 -11.06 2.87
CA PHE A 41 -9.04 -11.41 1.49
C PHE A 41 -8.76 -12.89 1.25
N SER A 42 -9.59 -13.58 0.45
CA SER A 42 -9.40 -15.01 0.09
C SER A 42 -9.84 -15.23 -1.37
N LEU A 43 -9.25 -16.22 -2.05
CA LEU A 43 -9.59 -16.56 -3.45
C LEU A 43 -10.88 -17.37 -3.49
N VAL A 44 -11.88 -16.85 -4.19
CA VAL A 44 -13.06 -17.62 -4.70
C VAL A 44 -12.60 -18.29 -6.00
N GLU A 45 -13.22 -19.40 -6.41
CA GLU A 45 -12.81 -20.18 -7.61
C GLU A 45 -14.05 -20.76 -8.30
N GLY B 7 6.86 16.28 17.61
CA GLY B 7 7.28 15.18 16.66
C GLY B 7 7.35 15.65 15.21
N GLU B 8 7.88 14.82 14.31
CA GLU B 8 7.98 15.16 12.87
C GLU B 8 6.59 15.02 12.23
N THR B 9 6.06 16.11 11.69
N THR B 9 6.11 16.12 11.65
N THR B 9 6.08 16.10 11.66
N THR B 9 6.08 16.10 11.66
CA THR B 9 4.73 16.14 11.01
CA THR B 9 4.75 16.31 11.08
CA THR B 9 4.73 16.19 11.05
CA THR B 9 4.73 16.19 11.05
C THR B 9 4.87 16.75 9.62
C THR B 9 4.82 16.43 9.55
C THR B 9 4.83 16.63 9.58
C THR B 9 4.83 16.63 9.58
N THR B 10 6.03 16.54 8.99
CA THR B 10 6.25 16.89 7.55
C THR B 10 5.56 15.83 6.68
N ASP B 11 4.69 16.24 5.74
CA ASP B 11 4.18 15.28 4.71
C ASP B 11 5.31 14.37 4.22
N GLY B 12 4.97 13.10 3.94
CA GLY B 12 5.88 12.10 3.33
C GLY B 12 5.52 10.70 3.79
N VAL B 13 6.40 9.75 3.47
CA VAL B 13 6.29 8.31 3.79
C VAL B 13 7.27 8.08 4.92
N TYR B 14 6.82 7.23 5.89
CA TYR B 14 7.54 7.01 7.14
C TYR B 14 7.61 5.50 7.33
N ARG B 15 8.69 5.04 8.00
CA ARG B 15 8.82 3.64 8.45
C ARG B 15 8.15 3.51 9.83
N VAL B 16 7.62 2.33 10.10
CA VAL B 16 7.00 1.98 11.40
C VAL B 16 7.83 0.87 12.07
N MET B 17 8.48 1.23 13.19
CA MET B 17 9.54 0.45 13.86
C MET B 17 9.04 -0.03 15.23
N THR B 18 9.59 -1.14 15.72
CA THR B 18 9.47 -1.59 17.13
C THR B 18 10.85 -2.00 17.69
N ARG B 19 11.05 -1.76 18.99
CA ARG B 19 12.21 -2.27 19.77
C ARG B 19 11.80 -3.43 20.67
N ARG B 20 10.59 -3.97 20.51
CA ARG B 20 9.99 -5.01 21.40
C ARG B 20 10.54 -6.39 21.03
N LEU B 21 11.11 -6.52 19.83
CA LEU B 21 11.76 -7.76 19.34
C LEU B 21 13.28 -7.52 19.32
N LEU B 22 14.05 -8.43 18.71
CA LEU B 22 15.52 -8.28 18.53
C LEU B 22 15.79 -6.95 17.84
N GLY B 23 16.84 -6.21 18.26
CA GLY B 23 17.20 -4.87 17.72
C GLY B 23 15.97 -4.01 17.42
N SER B 24 16.03 -3.27 16.32
CA SER B 24 14.96 -2.41 15.75
C SER B 24 14.38 -3.11 14.53
N THR B 25 13.07 -3.39 14.54
CA THR B 25 12.39 -4.18 13.49
C THR B 25 11.37 -3.29 12.79
N GLN B 26 11.37 -3.25 11.45
CA GLN B 26 10.33 -2.50 10.70
C GLN B 26 9.09 -3.39 10.60
N VAL B 27 8.01 -2.98 11.28
CA VAL B 27 6.69 -3.69 11.36
C VAL B 27 5.85 -3.18 10.16
N GLY B 28 6.22 -2.00 9.53
CA GLY B 28 5.65 -1.51 8.24
C GLY B 28 5.94 -0.04 8.01
N VAL B 29 5.01 0.62 7.31
CA VAL B 29 5.11 1.96 6.69
C VAL B 29 3.78 2.74 6.82
N GLY B 30 3.83 4.07 6.65
CA GLY B 30 2.60 4.87 6.56
C GLY B 30 2.85 6.21 5.94
N VAL B 31 1.78 6.96 5.77
CA VAL B 31 1.74 8.26 5.04
C VAL B 31 1.38 9.37 6.02
N MET B 32 2.22 10.41 6.09
CA MET B 32 1.90 11.64 6.84
C MET B 32 1.34 12.66 5.84
N GLN B 33 0.09 13.07 6.02
CA GLN B 33 -0.58 14.06 5.13
C GLN B 33 -1.52 14.92 5.98
N GLU B 34 -1.42 16.24 5.81
CA GLU B 34 -2.20 17.28 6.53
C GLU B 34 -2.19 17.01 8.03
N GLY B 35 -1.09 16.53 8.60
CA GLY B 35 -0.93 16.38 10.05
C GLY B 35 -1.53 15.08 10.56
N VAL B 36 -2.01 14.23 9.66
CA VAL B 36 -2.58 12.88 9.96
C VAL B 36 -1.65 11.79 9.44
N PHE B 37 -1.39 10.80 10.30
CA PHE B 37 -0.60 9.59 9.96
C PHE B 37 -1.58 8.48 9.59
N HIS B 38 -1.43 7.97 8.35
N HIS B 38 -1.43 7.97 8.35
N HIS B 38 -1.36 7.88 8.41
N HIS B 38 -1.36 7.88 8.41
CA HIS B 38 -2.18 6.83 7.75
CA HIS B 38 -2.18 6.83 7.75
CA HIS B 38 -2.20 6.84 7.75
CA HIS B 38 -2.20 6.84 7.75
C HIS B 38 -1.32 5.55 7.76
C HIS B 38 -1.32 5.55 7.76
C HIS B 38 -1.42 5.53 7.58
C HIS B 38 -1.42 5.53 7.58
N THR B 39 -1.94 4.42 8.16
CA THR B 39 -1.29 3.10 8.05
C THR B 39 -2.40 2.02 7.99
N MET B 40 -1.92 0.75 7.70
CA MET B 40 -2.85 -0.41 7.78
C MET B 40 -2.99 -0.87 9.23
N TRP B 41 -4.22 -1.29 9.60
N TRP B 41 -4.23 -1.25 9.61
N TRP B 41 -4.22 -1.29 9.60
N TRP B 41 -4.23 -1.25 9.61
CA TRP B 41 -4.59 -1.68 10.98
CA TRP B 41 -4.59 -1.71 10.99
CA TRP B 41 -4.59 -1.68 10.98
CA TRP B 41 -4.59 -1.71 10.99
C TRP B 41 -3.66 -2.85 11.43
C TRP B 41 -3.59 -2.82 11.41
C TRP B 41 -3.66 -2.85 11.43
C TRP B 41 -3.59 -2.82 11.41
N HIS B 42 -3.26 -3.79 10.44
CA HIS B 42 -2.44 -4.97 10.90
C HIS B 42 -0.97 -4.60 11.30
N VAL B 43 -0.50 -3.39 10.97
CA VAL B 43 0.87 -2.90 11.30
C VAL B 43 0.98 -2.52 12.80
N THR B 44 0.00 -1.76 13.32
CA THR B 44 0.08 -1.12 14.67
C THR B 44 -0.91 -1.81 15.63
N LYS B 45 -1.89 -2.53 15.09
CA LYS B 45 -3.07 -3.10 15.81
C LYS B 45 -3.73 -2.02 16.69
N GLY B 46 -3.67 -0.75 16.31
CA GLY B 46 -4.36 0.34 17.02
C GLY B 46 -3.54 0.94 18.16
N ALA B 47 -2.32 0.47 18.41
CA ALA B 47 -1.35 1.02 19.40
C ALA B 47 -0.99 2.49 19.03
N ALA B 48 -0.68 3.29 20.06
CA ALA B 48 -0.12 4.65 19.92
C ALA B 48 1.31 4.54 19.33
N LEU B 49 1.78 5.65 18.79
CA LEU B 49 3.10 5.73 18.09
C LEU B 49 3.91 6.88 18.64
N ARG B 50 5.23 6.75 18.55
CA ARG B 50 6.17 7.78 18.99
C ARG B 50 6.73 8.48 17.74
N SER B 51 6.72 9.81 17.75
CA SER B 51 7.51 10.65 16.81
C SER B 51 8.40 11.59 17.63
N GLY B 52 9.69 11.29 17.72
CA GLY B 52 10.62 11.93 18.68
C GLY B 52 10.13 11.71 20.11
N GLU B 53 9.85 12.79 20.84
CA GLU B 53 9.20 12.71 22.18
C GLU B 53 7.72 13.10 22.06
N GLY B 54 7.20 13.29 20.84
CA GLY B 54 5.77 13.49 20.58
C GLY B 54 5.04 12.15 20.44
N ARG B 55 3.76 12.10 20.84
CA ARG B 55 2.91 10.89 20.79
C ARG B 55 1.82 11.06 19.71
N LEU B 56 1.58 10.00 18.94
CA LEU B 56 0.49 9.96 17.93
C LEU B 56 -0.56 9.01 18.49
N ASP B 57 -1.78 9.58 18.76
CA ASP B 57 -2.89 8.73 19.25
C ASP B 57 -3.72 8.28 18.04
N PRO B 58 -4.22 7.02 18.07
CA PRO B 58 -5.22 6.60 17.11
C PRO B 58 -6.44 7.52 17.18
N TYR B 59 -7.05 7.78 16.04
CA TYR B 59 -8.21 8.67 15.86
C TYR B 59 -9.38 7.90 15.21
N TRP B 60 -9.07 7.13 14.19
CA TRP B 60 -10.03 6.33 13.39
C TRP B 60 -9.36 5.03 12.97
N GLY B 61 -10.11 3.94 13.05
CA GLY B 61 -9.68 2.61 12.55
C GLY B 61 -10.82 1.68 12.23
N ASP B 62 -10.51 0.70 11.41
CA ASP B 62 -11.49 -0.31 10.92
C ASP B 62 -10.73 -1.56 10.52
N VAL B 63 -10.84 -2.64 11.32
CA VAL B 63 -10.17 -3.95 11.09
C VAL B 63 -10.62 -4.53 9.75
N LYS B 64 -11.84 -4.28 9.28
CA LYS B 64 -12.31 -4.94 8.04
C LYS B 64 -11.64 -4.26 6.83
N GLN B 65 -11.58 -2.93 6.87
CA GLN B 65 -10.90 -2.13 5.81
C GLN B 65 -9.39 -2.29 5.97
N ASP B 66 -8.96 -2.75 7.15
CA ASP B 66 -7.56 -2.90 7.62
C ASP B 66 -6.81 -1.57 7.49
N LEU B 67 -7.42 -0.45 7.87
CA LEU B 67 -6.85 0.91 7.91
C LEU B 67 -6.93 1.52 9.31
N VAL B 68 -6.04 2.49 9.60
CA VAL B 68 -6.09 3.31 10.86
C VAL B 68 -5.50 4.70 10.57
N SER B 69 -6.02 5.77 11.18
CA SER B 69 -5.48 7.14 11.06
C SER B 69 -5.11 7.64 12.46
N TYR B 70 -4.06 8.47 12.52
CA TYR B 70 -3.54 9.07 13.78
C TYR B 70 -3.62 10.59 13.67
N CYS B 71 -4.09 11.22 14.77
CA CYS B 71 -4.14 12.69 15.03
C CYS B 71 -5.45 13.30 14.44
N GLY B 72 -6.23 12.58 13.63
CA GLY B 72 -7.29 13.22 12.83
C GLY B 72 -8.00 12.18 11.99
N PRO B 73 -9.06 12.66 11.24
CA PRO B 73 -9.77 11.79 10.30
C PRO B 73 -8.87 11.38 9.11
N TRP B 74 -9.12 10.23 8.44
CA TRP B 74 -8.51 9.82 7.10
C TRP B 74 -8.61 10.99 6.13
N LYS B 75 -7.48 11.33 5.42
CA LYS B 75 -7.38 12.53 4.54
C LYS B 75 -7.20 12.10 3.08
N LEU B 76 -6.84 10.84 2.80
CA LEU B 76 -6.40 10.34 1.45
C LEU B 76 -7.64 9.93 0.65
N ASP B 77 -7.99 10.68 -0.40
CA ASP B 77 -9.28 10.45 -1.10
C ASP B 77 -9.08 10.20 -2.60
N ALA B 78 -7.85 10.19 -3.09
CA ALA B 78 -7.62 9.90 -4.52
C ALA B 78 -7.97 8.40 -4.73
N ALA B 79 -8.43 8.16 -6.03
CA ALA B 79 -8.81 6.80 -6.49
C ALA B 79 -8.07 6.47 -7.80
N TRP B 80 -7.61 5.21 -7.92
CA TRP B 80 -7.20 4.57 -9.20
C TRP B 80 -8.27 4.88 -10.27
N ASP B 81 -7.79 5.26 -11.49
CA ASP B 81 -8.69 5.66 -12.63
C ASP B 81 -9.14 4.43 -13.45
N GLY B 82 -8.62 3.22 -13.13
CA GLY B 82 -9.10 1.91 -13.63
C GLY B 82 -8.38 1.57 -14.93
N LEU B 83 -7.57 2.53 -15.42
CA LEU B 83 -6.95 2.45 -16.78
C LEU B 83 -5.44 2.61 -16.70
N SER B 84 -4.99 3.63 -15.96
CA SER B 84 -3.55 3.99 -15.97
C SER B 84 -2.70 3.12 -15.04
N GLU B 85 -1.38 3.03 -15.35
N GLU B 85 -1.39 3.03 -15.34
N GLU B 85 -1.38 3.03 -15.35
N GLU B 85 -1.38 3.03 -15.35
CA GLU B 85 -0.35 2.43 -14.45
CA GLU B 85 -0.36 2.43 -14.44
CA GLU B 85 -0.33 2.45 -14.45
CA GLU B 85 -0.33 2.45 -14.45
C GLU B 85 -0.15 3.37 -13.24
C GLU B 85 -0.16 3.37 -13.23
C GLU B 85 -0.16 3.38 -13.24
C GLU B 85 -0.16 3.38 -13.24
N VAL B 86 0.37 2.73 -12.16
CA VAL B 86 0.59 3.40 -10.85
C VAL B 86 2.01 3.13 -10.40
N GLN B 87 2.41 3.83 -9.34
CA GLN B 87 3.70 3.58 -8.68
C GLN B 87 3.54 3.07 -7.20
N LEU B 88 3.96 1.85 -6.82
CA LEU B 88 4.24 1.46 -5.40
C LEU B 88 5.53 2.24 -4.95
N LEU B 89 5.36 3.21 -4.03
CA LEU B 89 6.53 3.80 -3.34
C LEU B 89 6.87 2.78 -2.24
N ALA B 90 7.59 1.71 -2.66
CA ALA B 90 7.92 0.61 -1.70
C ALA B 90 9.02 1.17 -0.72
N VAL B 91 8.74 0.96 0.63
CA VAL B 91 9.78 1.29 1.67
C VAL B 91 10.11 -0.04 2.39
N PRO B 92 10.97 -0.94 1.81
CA PRO B 92 11.32 -2.20 2.47
C PRO B 92 12.31 -2.07 3.61
N PRO B 93 12.23 -3.07 4.58
CA PRO B 93 12.96 -3.04 5.86
C PRO B 93 14.47 -2.95 5.54
N GLY B 94 15.12 -1.90 6.04
CA GLY B 94 16.57 -1.67 5.93
C GLY B 94 17.01 -1.28 4.52
N GLU B 95 16.09 -0.96 3.61
CA GLU B 95 16.44 -0.59 2.20
C GLU B 95 15.83 0.78 1.91
N ARG B 96 16.45 1.51 0.97
CA ARG B 96 16.06 2.88 0.55
C ARG B 96 14.70 2.74 -0.18
N ALA B 97 13.78 3.68 0.18
CA ALA B 97 12.50 3.90 -0.56
C ALA B 97 12.76 3.83 -2.07
N LYS B 98 11.90 3.13 -2.82
CA LYS B 98 12.00 2.90 -4.29
C LYS B 98 10.62 3.00 -4.94
N ASN B 99 10.52 3.81 -6.14
CA ASN B 99 9.23 3.82 -6.91
C ASN B 99 9.27 2.54 -7.75
N ILE B 100 8.16 1.74 -7.78
CA ILE B 100 8.01 0.64 -8.79
C ILE B 100 6.69 0.86 -9.55
N GLN B 101 6.79 1.02 -10.87
CA GLN B 101 5.64 1.28 -11.78
C GLN B 101 5.04 -0.06 -12.21
N THR B 102 3.69 -0.16 -12.12
N THR B 102 3.69 -0.16 -12.12
N THR B 102 3.70 -0.18 -12.09
N THR B 102 3.70 -0.18 -12.09
CA THR B 102 2.91 -1.38 -12.48
CA THR B 102 2.91 -1.38 -12.48
CA THR B 102 2.92 -1.37 -12.50
CA THR B 102 2.92 -1.37 -12.50
C THR B 102 1.48 -0.98 -12.87
C THR B 102 1.48 -0.98 -12.87
C THR B 102 1.55 -0.89 -13.01
C THR B 102 1.55 -0.89 -13.01
N LEU B 103 0.84 -1.76 -13.76
CA LEU B 103 -0.59 -1.56 -14.14
C LEU B 103 -1.40 -2.43 -13.17
N PRO B 104 -2.30 -1.86 -12.31
N PRO B 104 -2.30 -1.86 -12.31
N PRO B 104 -2.29 -1.86 -12.31
N PRO B 104 -2.29 -1.86 -12.31
CA PRO B 104 -3.09 -2.67 -11.39
CA PRO B 104 -3.09 -2.67 -11.39
CA PRO B 104 -3.09 -2.66 -11.39
CA PRO B 104 -3.09 -2.66 -11.39
C PRO B 104 -3.91 -3.70 -12.18
C PRO B 104 -3.91 -3.70 -12.18
C PRO B 104 -3.90 -3.71 -12.19
C PRO B 104 -3.90 -3.71 -12.19
N GLY B 105 -3.98 -4.95 -11.56
N GLY B 105 -3.98 -4.95 -11.56
N GLY B 105 -3.93 -4.95 -11.58
N GLY B 105 -3.93 -4.95 -11.58
CA GLY B 105 -5.07 -5.96 -11.73
CA GLY B 105 -5.07 -5.96 -11.73
CA GLY B 105 -5.01 -5.97 -11.69
CA GLY B 105 -5.01 -5.97 -11.69
C GLY B 105 -6.35 -5.52 -11.03
C GLY B 105 -6.35 -5.52 -11.03
C GLY B 105 -6.29 -5.49 -11.02
C GLY B 105 -6.29 -5.49 -11.02
N ILE B 106 -7.37 -6.44 -10.96
N ILE B 106 -7.37 -6.44 -10.96
N ILE B 106 -7.27 -6.41 -10.81
N ILE B 106 -7.27 -6.41 -10.81
CA ILE B 106 -8.67 -6.23 -10.24
CA ILE B 106 -8.67 -6.23 -10.24
CA ILE B 106 -8.60 -6.14 -10.19
CA ILE B 106 -8.60 -6.14 -10.19
C ILE B 106 -8.83 -7.32 -9.17
C ILE B 106 -8.83 -7.32 -9.17
C ILE B 106 -8.97 -7.29 -9.24
C ILE B 106 -8.97 -7.29 -9.24
N PHE B 107 -9.43 -6.96 -8.04
CA PHE B 107 -10.04 -7.91 -7.09
C PHE B 107 -11.52 -7.75 -7.44
N LYS B 108 -12.17 -8.84 -7.93
CA LYS B 108 -13.65 -8.92 -8.13
C LYS B 108 -14.24 -9.51 -6.84
N THR B 109 -15.11 -8.74 -6.17
CA THR B 109 -15.82 -9.09 -4.92
C THR B 109 -17.32 -8.86 -5.13
N LYS B 110 -18.12 -9.45 -4.25
CA LYS B 110 -19.60 -9.31 -4.29
C LYS B 110 -20.01 -7.81 -4.19
N ASP B 111 -19.21 -7.00 -3.45
CA ASP B 111 -19.51 -5.56 -3.22
C ASP B 111 -18.72 -4.68 -4.18
N GLY B 112 -18.06 -5.31 -5.19
CA GLY B 112 -17.58 -4.63 -6.41
C GLY B 112 -16.08 -4.82 -6.62
N ASP B 113 -15.56 -4.08 -7.60
CA ASP B 113 -14.16 -4.24 -8.11
C ASP B 113 -13.19 -3.27 -7.38
N ILE B 114 -12.07 -3.84 -6.86
CA ILE B 114 -10.97 -3.05 -6.21
C ILE B 114 -9.72 -3.17 -7.10
N GLY B 115 -8.99 -2.07 -7.30
CA GLY B 115 -7.69 -2.14 -8.01
C GLY B 115 -6.73 -3.04 -7.22
N ALA B 116 -5.81 -3.74 -7.88
CA ALA B 116 -4.89 -4.60 -7.11
C ALA B 116 -3.54 -4.53 -7.76
N VAL B 117 -2.49 -4.60 -6.93
N VAL B 117 -2.51 -4.73 -6.93
N VAL B 117 -2.49 -4.60 -6.93
N VAL B 117 -2.51 -4.73 -6.93
CA VAL B 117 -1.11 -4.66 -7.51
CA VAL B 117 -1.10 -4.65 -7.39
CA VAL B 117 -1.11 -4.66 -7.51
CA VAL B 117 -1.09 -4.66 -7.38
C VAL B 117 -0.46 -6.03 -7.23
C VAL B 117 -0.36 -6.00 -7.17
C VAL B 117 -0.46 -6.03 -7.23
C VAL B 117 -0.35 -6.00 -7.18
N ALA B 118 0.39 -6.47 -8.24
CA ALA B 118 1.06 -7.78 -8.14
C ALA B 118 2.56 -7.53 -7.98
N LEU B 119 2.97 -7.02 -6.81
CA LEU B 119 4.40 -6.83 -6.44
C LEU B 119 4.60 -7.49 -5.06
N ASP B 120 5.65 -8.29 -4.89
CA ASP B 120 5.91 -8.93 -3.57
C ASP B 120 7.06 -8.22 -2.88
N TYR B 121 6.85 -7.78 -1.64
CA TYR B 121 7.84 -7.17 -0.72
C TYR B 121 7.65 -7.84 0.62
N PRO B 122 8.60 -7.68 1.58
CA PRO B 122 8.46 -8.30 2.89
C PRO B 122 7.19 -7.76 3.57
N ALA B 123 6.64 -8.49 4.56
CA ALA B 123 5.51 -8.05 5.42
C ALA B 123 5.73 -6.61 5.96
N GLY B 124 7.02 -6.29 6.34
CA GLY B 124 7.37 -4.97 6.94
C GLY B 124 7.37 -3.79 5.94
N THR B 125 6.88 -4.19 4.61
CA THR B 125 6.57 -3.18 3.55
C THR B 125 5.08 -2.71 3.65
N SER B 126 4.33 -3.34 4.54
CA SER B 126 2.86 -3.07 4.74
C SER B 126 2.45 -1.62 5.18
N GLY B 127 1.76 -0.94 4.22
N GLY B 127 1.76 -0.94 4.22
N GLY B 127 1.74 -0.96 4.22
N GLY B 127 1.74 -0.96 4.22
CA GLY B 127 1.39 0.49 4.31
CA GLY B 127 1.39 0.49 4.31
CA GLY B 127 1.34 0.46 4.28
CA GLY B 127 1.34 0.46 4.28
C GLY B 127 2.25 1.42 3.45
C GLY B 127 2.25 1.42 3.45
C GLY B 127 2.04 1.34 3.25
C GLY B 127 2.04 1.34 3.25
N SER B 128 3.16 0.85 2.63
N SER B 128 3.16 0.85 2.63
N SER B 128 2.92 0.75 2.39
N SER B 128 2.92 0.75 2.39
CA SER B 128 3.81 1.48 1.48
CA SER B 128 3.81 1.48 1.48
CA SER B 128 3.70 1.48 1.37
CA SER B 128 3.70 1.48 1.37
C SER B 128 2.64 2.03 0.61
C SER B 128 2.64 2.02 0.61
C SER B 128 2.60 2.11 0.48
C SER B 128 2.60 2.11 0.48
N PRO B 129 2.69 3.31 0.21
N PRO B 129 2.70 3.31 0.20
N PRO B 129 2.67 3.44 0.25
N PRO B 129 2.67 3.44 0.25
CA PRO B 129 1.69 3.92 -0.68
CA PRO B 129 1.69 3.92 -0.68
CA PRO B 129 1.71 4.15 -0.61
CA PRO B 129 1.71 4.15 -0.61
C PRO B 129 1.77 3.62 -2.21
C PRO B 129 1.77 3.62 -2.21
C PRO B 129 1.79 3.94 -2.17
C PRO B 129 1.79 3.94 -2.17
N ILE B 130 0.61 3.58 -2.91
N ILE B 130 0.61 3.58 -2.91
N ILE B 130 0.71 3.41 -2.78
N ILE B 130 0.71 3.41 -2.77
CA ILE B 130 0.41 3.48 -4.41
CA ILE B 130 0.40 3.48 -4.42
CA ILE B 130 0.40 3.40 -4.27
CA ILE B 130 0.40 3.40 -4.27
C ILE B 130 -0.04 4.87 -4.89
C ILE B 130 -0.04 4.87 -4.89
C ILE B 130 -0.01 4.85 -4.62
C ILE B 130 -0.01 4.85 -4.62
N LEU B 131 0.69 5.50 -5.85
N LEU B 131 0.69 5.50 -5.85
N LEU B 131 0.43 5.39 -5.79
N LEU B 131 0.43 5.39 -5.79
CA LEU B 131 0.39 6.88 -6.38
CA LEU B 131 0.39 6.88 -6.38
CA LEU B 131 0.12 6.78 -6.25
CA LEU B 131 0.13 6.78 -6.24
C LEU B 131 -0.26 6.85 -7.79
C LEU B 131 -0.26 6.85 -7.79
C LEU B 131 -0.28 6.84 -7.76
C LEU B 131 -0.28 6.84 -7.76
N ASP B 132 -0.91 8.04 -8.10
CA ASP B 132 -1.26 8.39 -9.51
C ASP B 132 -0.15 9.30 -10.11
N LYS B 133 -0.37 9.75 -11.37
CA LYS B 133 0.66 10.44 -12.20
C LYS B 133 0.88 11.85 -11.62
N CYS B 134 0.00 12.32 -10.73
CA CYS B 134 0.10 13.65 -10.07
C CYS B 134 0.55 13.54 -8.55
N GLY B 135 1.05 12.26 -8.26
CA GLY B 135 1.67 11.97 -6.97
C GLY B 135 0.64 11.89 -5.84
N ARG B 136 -0.66 11.78 -6.16
CA ARG B 136 -1.74 11.61 -5.14
C ARG B 136 -1.75 10.16 -4.67
N VAL B 137 -1.86 9.97 -3.31
CA VAL B 137 -1.98 8.61 -2.70
C VAL B 137 -3.39 8.10 -3.02
N ILE B 138 -3.47 7.10 -3.89
CA ILE B 138 -4.75 6.41 -4.22
C ILE B 138 -5.01 5.21 -3.32
N GLY B 139 -4.11 4.96 -2.34
N GLY B 139 -4.12 4.96 -2.33
N GLY B 139 -4.15 4.97 -2.32
N GLY B 139 -4.15 4.97 -2.32
CA GLY B 139 -4.26 3.94 -1.24
CA GLY B 139 -4.26 3.94 -1.24
CA GLY B 139 -4.36 3.87 -1.33
CA GLY B 139 -4.36 3.87 -1.33
C GLY B 139 -2.87 3.27 -0.82
C GLY B 139 -2.87 3.27 -0.82
C GLY B 139 -3.00 3.07 -1.08
C GLY B 139 -3.00 3.07 -1.08
N LEU B 140 -2.96 2.27 0.09
N LEU B 140 -2.95 2.26 0.09
N LEU B 140 -3.07 2.10 -0.12
N LEU B 140 -3.07 2.10 -0.12
CA LEU B 140 -1.80 1.55 0.69
CA LEU B 140 -1.80 1.55 0.69
CA LEU B 140 -1.89 1.45 0.47
CA LEU B 140 -1.89 1.45 0.47
C LEU B 140 -1.77 0.07 0.31
C LEU B 140 -1.77 0.07 0.31
C LEU B 140 -1.82 -0.02 0.10
C LEU B 140 -1.82 -0.02 0.10
N TYR B 141 -0.42 -0.38 0.25
N TYR B 141 -0.42 -0.38 0.25
N TYR B 141 -0.45 -0.43 0.16
N TYR B 141 -0.45 -0.43 0.16
CA TYR B 141 0.02 -1.75 -0.11
CA TYR B 141 0.02 -1.75 -0.11
CA TYR B 141 0.07 -1.79 -0.14
CA TYR B 141 0.07 -1.79 -0.14
C TYR B 141 0.16 -2.60 1.18
C TYR B 141 0.16 -2.60 1.18
C TYR B 141 0.10 -2.59 1.19
C TYR B 141 0.10 -2.59 1.19
N GLY B 142 -0.30 -3.85 1.12
CA GLY B 142 -0.03 -4.83 2.21
C GLY B 142 -1.21 -5.68 2.69
N ASN B 143 -2.41 -5.54 2.12
CA ASN B 143 -3.55 -6.47 2.46
C ASN B 143 -4.23 -7.08 1.22
N GLY B 144 -3.91 -8.39 0.99
CA GLY B 144 -4.12 -9.03 -0.38
C GLY B 144 -4.20 -10.53 -0.26
N VAL B 145 -3.67 -11.28 -1.24
N VAL B 145 -3.67 -11.28 -1.24
N VAL B 145 -3.67 -11.28 -1.24
N VAL B 145 -3.64 -11.25 -1.24
CA VAL B 145 -3.90 -12.76 -1.35
CA VAL B 145 -3.89 -12.76 -1.35
CA VAL B 145 -3.90 -12.76 -1.35
CA VAL B 145 -3.86 -12.73 -1.41
C VAL B 145 -2.68 -13.43 -2.00
C VAL B 145 -2.68 -13.43 -2.00
C VAL B 145 -2.68 -13.43 -2.00
C VAL B 145 -2.54 -13.37 -1.87
N VAL B 146 -2.36 -14.65 -1.55
CA VAL B 146 -1.29 -15.53 -2.12
C VAL B 146 -1.99 -16.27 -3.27
N ILE B 147 -1.39 -16.30 -4.46
N ILE B 147 -1.39 -16.30 -4.46
N ILE B 147 -1.37 -16.28 -4.46
N ILE B 147 -1.37 -16.28 -4.46
CA ILE B 147 -2.06 -16.76 -5.71
CA ILE B 147 -2.06 -16.76 -5.71
CA ILE B 147 -1.99 -16.81 -5.70
CA ILE B 147 -1.99 -16.81 -5.70
C ILE B 147 -1.52 -18.15 -6.12
C ILE B 147 -1.52 -18.15 -6.12
C ILE B 147 -1.40 -18.20 -6.00
C ILE B 147 -1.40 -18.20 -6.00
N LYS B 148 -2.14 -18.74 -7.16
N LYS B 148 -2.14 -18.74 -7.16
N LYS B 148 -2.08 -18.95 -6.88
N LYS B 148 -2.08 -18.95 -6.88
CA LYS B 148 -1.84 -20.10 -7.71
CA LYS B 148 -1.84 -20.10 -7.71
CA LYS B 148 -1.75 -20.35 -7.30
CA LYS B 148 -1.75 -20.35 -7.30
C LYS B 148 -0.34 -20.40 -7.66
C LYS B 148 -0.34 -20.40 -7.66
C LYS B 148 -0.23 -20.53 -7.37
C LYS B 148 -0.23 -20.53 -7.37
N ASN B 149 0.50 -19.37 -7.78
N ASN B 149 0.50 -19.37 -7.78
N ASN B 149 0.51 -19.49 -7.78
N ASN B 149 0.51 -19.49 -7.78
CA ASN B 149 1.98 -19.45 -7.89
CA ASN B 149 1.98 -19.46 -7.89
CA ASN B 149 1.99 -19.48 -7.90
CA ASN B 149 1.99 -19.48 -7.90
C ASN B 149 2.58 -19.59 -6.49
C ASN B 149 2.58 -19.59 -6.49
C ASN B 149 2.60 -19.60 -6.49
C ASN B 149 2.60 -19.60 -6.49
N GLY B 150 2.14 -18.75 -5.56
CA GLY B 150 2.75 -18.60 -4.21
C GLY B 150 3.22 -17.16 -4.00
N SER B 151 3.20 -16.37 -5.09
N SER B 151 3.19 -16.37 -5.10
N SER B 151 3.20 -16.37 -5.09
N SER B 151 3.19 -16.37 -5.10
CA SER B 151 3.53 -14.92 -5.08
CA SER B 151 3.48 -14.92 -5.14
CA SER B 151 3.53 -14.92 -5.08
CA SER B 151 3.48 -14.92 -5.14
C SER B 151 2.37 -14.12 -4.46
C SER B 151 2.37 -14.13 -4.44
C SER B 151 2.37 -14.12 -4.46
C SER B 151 2.37 -14.13 -4.44
N TYR B 152 2.64 -12.86 -4.12
CA TYR B 152 1.68 -11.99 -3.39
C TYR B 152 0.98 -10.99 -4.32
N VAL B 153 -0.40 -10.91 -4.24
CA VAL B 153 -1.14 -9.82 -4.97
C VAL B 153 -1.78 -8.95 -3.90
N SER B 154 -1.36 -7.67 -3.87
N SER B 154 -1.36 -7.67 -3.87
N SER B 154 -1.40 -7.64 -3.87
N SER B 154 -1.40 -7.64 -3.87
CA SER B 154 -1.91 -6.73 -2.86
CA SER B 154 -1.91 -6.73 -2.86
CA SER B 154 -1.97 -6.71 -2.85
CA SER B 154 -1.97 -6.71 -2.85
C SER B 154 -3.20 -5.99 -3.38
C SER B 154 -3.20 -5.99 -3.38
C SER B 154 -3.15 -5.83 -3.39
C SER B 154 -3.16 -5.84 -3.39
N ALA B 155 -4.29 -5.90 -2.60
N ALA B 155 -4.29 -5.90 -2.60
N ALA B 155 -4.27 -5.63 -2.64
N ALA B 155 -4.27 -5.63 -2.64
CA ALA B 155 -5.41 -4.96 -2.83
CA ALA B 155 -5.40 -4.96 -2.83
CA ALA B 155 -5.34 -4.63 -2.94
CA ALA B 155 -5.34 -4.63 -2.94
C ALA B 155 -4.87 -3.51 -2.76
C ALA B 155 -4.86 -3.51 -2.77
C ALA B 155 -4.78 -3.17 -2.86
C ALA B 155 -4.78 -3.17 -2.86
N ILE B 156 -5.41 -2.57 -3.63
N ILE B 156 -5.41 -2.57 -3.63
N ILE B 156 -5.36 -2.17 -3.72
N ILE B 156 -5.36 -2.17 -3.72
CA ILE B 156 -5.29 -1.07 -3.42
CA ILE B 156 -5.30 -1.07 -3.42
CA ILE B 156 -5.23 -0.67 -3.48
CA ILE B 156 -5.23 -0.67 -3.48
C ILE B 156 -6.29 -0.72 -2.31
C ILE B 156 -6.29 -0.72 -2.31
C ILE B 156 -6.19 -0.35 -2.33
C ILE B 156 -6.19 -0.35 -2.33
N THR B 157 -5.93 -0.83 -0.98
N THR B 157 -5.93 -0.83 -0.98
N THR B 157 -5.90 -0.70 -1.02
N THR B 157 -5.90 -0.70 -1.02
CA THR B 157 -6.74 -0.31 0.18
CA THR B 157 -6.74 -0.31 0.18
CA THR B 157 -6.70 -0.33 0.19
CA THR B 157 -6.70 -0.33 0.19
C THR B 157 -6.68 1.27 0.23
C THR B 157 -6.68 1.27 0.23
C THR B 157 -6.66 1.24 0.31
C THR B 157 -6.66 1.24 0.31
N GLN B 158 -7.93 1.93 0.00
CA GLN B 158 -8.15 3.41 0.17
C GLN B 158 -9.27 3.59 1.22
N GLY B 159 -9.17 4.65 2.00
CA GLY B 159 -10.22 4.93 2.98
C GLY B 159 -11.22 5.93 2.43
N LYS B 160 -12.02 6.49 3.30
CA LYS B 160 -13.01 7.53 2.93
C LYS B 160 -12.62 8.83 3.65
N ARG B 161 -12.70 9.96 2.92
CA ARG B 161 -12.57 11.33 3.49
C ARG B 161 -14.00 11.87 3.71
N GLU B 162 -14.29 12.39 4.90
CA GLU B 162 -15.63 12.95 5.25
C GLU B 162 -15.58 14.49 5.13
S DMS C . 3.82 -9.31 2.31
S DMS C . 3.82 -9.31 2.31
O DMS C . 3.51 -10.37 1.29
O DMS C . 3.51 -10.37 1.29
C1 DMS C . 2.40 -9.21 3.38
C1 DMS C . 2.40 -9.21 3.38
C2 DMS C . 3.61 -7.76 1.49
C2 DMS C . 3.61 -7.76 1.49
S DMS D . -3.70 -2.29 21.21
S DMS D . -3.70 -2.29 21.21
O DMS D . -4.34 -1.32 20.27
O DMS D . -4.35 -1.32 20.27
C1 DMS D . -2.44 -1.36 22.07
C1 DMS D . -2.45 -1.37 22.08
C2 DMS D . -2.61 -3.29 20.23
C2 DMS D . -2.61 -3.29 20.23
S DMS E . -0.86 -11.61 3.95
S DMS E . -0.85 -11.61 3.94
O DMS E . -2.19 -11.74 3.28
O DMS E . -2.19 -11.75 3.27
C1 DMS E . -0.97 -10.16 4.96
C1 DMS E . -0.97 -10.17 4.96
C2 DMS E . -0.84 -12.83 5.24
C2 DMS E . -0.84 -12.83 5.24
N1 A1BG5 F . -2.19 -9.32 7.83
N1 A1BG5 F . -2.19 -9.32 7.83
N3 A1BG5 F . 4.16 -10.52 1.31
N3 A1BG5 F . 4.16 -10.52 1.31
C4 A1BG5 F . -0.99 -9.71 8.36
C4 A1BG5 F . -0.99 -9.71 8.36
C5 A1BG5 F . 0.10 -9.71 7.58
C5 A1BG5 F . 0.10 -9.71 7.58
C6 A1BG5 F . 0.03 -9.32 6.25
C6 A1BG5 F . 0.03 -9.32 6.25
C7 A1BG5 F . 1.26 -9.31 5.38
C7 A1BG5 F . 1.26 -9.31 5.38
C8 A1BG5 F . 2.15 -10.07 3.18
C8 A1BG5 F . 2.15 -10.07 3.18
C10 A1BG5 F . 3.66 -11.51 2.06
C10 A1BG5 F . 3.66 -11.51 2.06
C13 A1BG5 F . 2.12 -7.62 2.57
C13 A1BG5 F . 2.12 -7.62 2.57
C15 A1BG5 F . -2.32 -8.92 6.50
C15 A1BG5 F . -2.32 -8.92 6.50
C1 A1BG5 F . -5.76 -8.49 7.43
C1 A1BG5 F . -5.76 -8.49 7.43
C2 A1BG5 F . -4.30 -8.78 7.41
C2 A1BG5 F . -4.30 -8.78 7.41
C3 A1BG5 F . -3.45 -9.22 8.38
C3 A1BG5 F . -3.45 -9.22 8.38
O1 A1BG5 F . 2.31 -8.85 5.79
O1 A1BG5 F . 2.31 -8.85 5.79
N2 A1BG5 F . 1.12 -9.84 4.13
N2 A1BG5 F . 1.12 -9.84 4.13
C9 A1BG5 F . 2.67 -11.35 2.99
C9 A1BG5 F . 2.67 -11.35 2.99
C11 A1BG5 F . 3.65 -9.28 1.50
C11 A1BG5 F . 3.65 -9.28 1.50
C12 A1BG5 F . 2.65 -9.02 2.42
C12 A1BG5 F . 2.65 -9.02 2.42
C14 A1BG5 F . -1.17 -8.92 5.69
C14 A1BG5 F . -1.17 -8.92 5.69
N4 A1BG5 F . -3.59 -8.59 6.23
N4 A1BG5 F . -3.59 -8.59 6.23
S SO4 G . -3.72 -1.74 21.51
S SO4 G . -3.72 -1.74 21.51
O1 SO4 G . -2.93 -2.71 20.78
O1 SO4 G . -2.93 -2.71 20.78
O2 SO4 G . -4.42 -2.39 22.60
O2 SO4 G . -4.42 -2.39 22.60
O3 SO4 G . -2.84 -0.73 22.05
O3 SO4 G . -2.84 -0.73 22.05
O4 SO4 G . -4.66 -1.11 20.61
O4 SO4 G . -4.66 -1.11 20.61
S DMS H . 8.79 -11.44 5.31
S DMS H . 8.79 -11.44 5.31
O DMS H . 7.39 -11.71 4.83
O DMS H . 7.39 -11.71 4.84
C1 DMS H . 9.64 -13.02 5.33
C1 DMS H . 9.64 -13.02 5.33
C2 DMS H . 8.67 -11.21 7.06
C2 DMS H . 8.67 -11.21 7.06
S DMS I . -3.90 9.86 -13.41
S DMS I . -3.91 9.86 -13.42
O DMS I . -2.89 8.84 -12.95
O DMS I . -2.89 8.84 -12.95
C1 DMS I . -3.48 11.36 -12.54
C1 DMS I . -3.48 11.36 -12.54
C2 DMS I . -5.39 9.43 -12.49
C2 DMS I . -5.39 9.43 -12.49
S SO4 J . 16.18 2.57 8.66
S SO4 J . 16.18 2.57 8.66
O1 SO4 J . 16.08 1.89 7.39
O1 SO4 J . 16.08 1.89 7.39
O2 SO4 J . 17.58 2.79 8.96
O2 SO4 J . 17.58 2.79 8.96
O3 SO4 J . 15.49 3.84 8.59
O3 SO4 J . 15.49 3.84 8.59
O4 SO4 J . 15.60 1.74 9.67
O4 SO4 J . 15.60 1.74 9.67
#